data_8AN0
#
_entry.id   8AN0
#
_cell.length_a   145.674
_cell.length_b   145.674
_cell.length_c   92.681
_cell.angle_alpha   90.000
_cell.angle_beta   90.000
_cell.angle_gamma   120.000
#
_symmetry.space_group_name_H-M   'H 3 2'
#
loop_
_entity.id
_entity.type
_entity.pdbx_description
1 polymer 'Putative secreted protein'
2 non-polymer 'SUCCINIC ACID'
3 water water
#
_entity_poly.entity_id   1
_entity_poly.type   'polypeptide(L)'
_entity_poly.pdbx_seq_one_letter_code
;MAPAPRPILPPLAPGQVLRIGPTAGTGTPTGDYGIGATDLCEFVEFPSQLLQVCGDSFAGQGVGFGGWYAPVALHVDTES
IDDPAGVRYTGVTGVGTPLLADPTPPGDSQLPAGVVQINRRNYLMVTTTKDLQPQNSRLVRAEAARGGWQTVSGSRRNAA
YQDGRQTQISGYYDPVPTPDSPTGWVYIVADSFTRGEPAVLYRATPESFTDRSRWQGWAGGPDGGWNKPPTPLWPDQLGE
MSIRQIDGQTVLSYFNASTGNMEVRVAHHPTSLGAAPVTTVVRHDEWPEPAESLPPPYDNRLAQPYGGYISPGSTIDELR
IFVSQWDTRARQNGPYRVIQFAVNPFKPWSDPGSGHHHHHH
;
_entity_poly.pdbx_strand_id   A
#
# COMPACT_ATOMS: atom_id res chain seq x y z
N PRO A 10 14.27 0.44 -21.45
CA PRO A 10 13.97 0.45 -22.89
C PRO A 10 12.62 1.09 -23.19
N PRO A 11 12.29 1.28 -24.47
CA PRO A 11 10.98 1.87 -24.83
C PRO A 11 9.88 0.84 -24.82
N LEU A 12 8.85 1.07 -24.00
CA LEU A 12 7.66 0.22 -23.94
C LEU A 12 6.45 0.96 -24.50
N ALA A 13 5.49 0.17 -25.06
CA ALA A 13 4.29 0.80 -25.62
C ALA A 13 3.21 0.94 -24.55
N PRO A 14 2.30 1.91 -24.73
CA PRO A 14 1.20 2.06 -23.75
C PRO A 14 0.44 0.76 -23.54
N GLY A 15 0.31 0.38 -22.27
CA GLY A 15 -0.29 -0.87 -21.90
C GLY A 15 0.62 -2.06 -21.99
N GLN A 16 1.70 -1.97 -22.76
CA GLN A 16 2.63 -3.09 -22.89
C GLN A 16 3.29 -3.35 -21.54
N VAL A 17 3.22 -4.59 -21.08
CA VAL A 17 3.88 -5.03 -19.87
C VAL A 17 4.78 -6.21 -20.24
N LEU A 18 5.89 -6.34 -19.52
CA LEU A 18 6.78 -7.46 -19.74
C LEU A 18 7.44 -7.85 -18.43
N ARG A 19 7.79 -9.13 -18.31
CA ARG A 19 8.38 -9.67 -17.10
C ARG A 19 9.89 -9.51 -17.19
N ILE A 20 10.46 -8.78 -16.22
CA ILE A 20 11.89 -8.54 -16.20
C ILE A 20 12.63 -9.78 -15.70
N GLY A 21 12.22 -10.31 -14.56
CA GLY A 21 12.84 -11.49 -13.98
C GLY A 21 12.35 -11.81 -12.60
N ASP A 39 4.69 -15.56 3.37
CA ASP A 39 3.27 -15.57 3.03
C ASP A 39 2.85 -14.22 2.45
N LEU A 40 2.81 -13.20 3.31
CA LEU A 40 2.39 -11.86 2.94
C LEU A 40 3.52 -10.90 3.24
N CYS A 41 4.04 -10.24 2.21
CA CYS A 41 5.17 -9.34 2.35
C CYS A 41 4.79 -7.96 1.84
N GLU A 42 5.55 -6.97 2.31
CA GLU A 42 5.34 -5.57 2.00
C GLU A 42 6.71 -4.91 1.92
N PHE A 43 6.83 -3.86 1.13
CA PHE A 43 8.10 -3.19 0.91
C PHE A 43 8.09 -1.82 1.57
N VAL A 44 9.09 -1.58 2.42
CA VAL A 44 9.27 -0.30 3.07
C VAL A 44 10.60 0.27 2.59
N GLU A 45 10.59 1.48 2.02
CA GLU A 45 11.75 2.07 1.39
C GLU A 45 12.26 3.22 2.24
N PHE A 46 13.44 3.01 2.87
CA PHE A 46 14.17 4.04 3.58
C PHE A 46 15.35 4.50 2.73
N PRO A 47 15.81 5.74 2.90
CA PRO A 47 16.89 6.25 2.04
C PRO A 47 18.03 5.27 1.84
N SER A 48 18.41 4.54 2.89
CA SER A 48 19.58 3.68 2.84
C SER A 48 19.26 2.19 2.80
N GLN A 49 17.98 1.82 2.82
CA GLN A 49 17.66 0.40 2.92
C GLN A 49 16.25 0.15 2.42
N LEU A 50 16.10 -0.89 1.62
CA LEU A 50 14.78 -1.42 1.28
C LEU A 50 14.52 -2.64 2.15
N LEU A 51 13.37 -2.65 2.81
CA LEU A 51 12.99 -3.71 3.74
C LEU A 51 11.81 -4.48 3.16
N GLN A 52 11.89 -5.80 3.21
CA GLN A 52 10.78 -6.67 2.84
C GLN A 52 10.22 -7.22 4.16
N VAL A 53 9.13 -6.59 4.63
CA VAL A 53 8.49 -6.97 5.87
C VAL A 53 7.50 -8.09 5.56
N CYS A 54 7.80 -9.28 6.04
CA CYS A 54 7.02 -10.48 5.76
C CYS A 54 6.42 -11.02 7.04
N GLY A 55 5.22 -11.59 6.90
CA GLY A 55 4.52 -12.22 8.00
C GLY A 55 4.11 -13.63 7.66
N ASP A 56 3.62 -14.34 8.68
CA ASP A 56 3.29 -15.76 8.55
C ASP A 56 1.88 -15.99 8.03
N SER A 57 0.88 -15.39 8.70
CA SER A 57 -0.56 -15.58 8.50
C SER A 57 -1.08 -16.76 9.32
N PHE A 58 -0.21 -17.55 9.92
CA PHE A 58 -0.60 -18.69 10.74
C PHE A 58 0.29 -18.74 11.97
N ALA A 59 -0.30 -19.09 13.11
CA ALA A 59 0.41 -19.11 14.38
C ALA A 59 0.72 -17.69 14.85
N ALA A 70 8.42 -14.97 13.54
CA ALA A 70 7.60 -13.77 13.73
C ALA A 70 7.71 -12.87 12.49
N PRO A 71 6.90 -11.81 12.43
CA PRO A 71 7.04 -10.84 11.31
C PRO A 71 8.46 -10.29 11.27
N VAL A 72 9.13 -10.50 10.13
CA VAL A 72 10.53 -10.12 10.00
C VAL A 72 10.72 -9.15 8.84
N ALA A 73 11.84 -8.44 8.85
CA ALA A 73 12.16 -7.47 7.81
C ALA A 73 13.48 -7.86 7.16
N LEU A 74 13.41 -8.33 5.92
CA LEU A 74 14.61 -8.73 5.18
C LEU A 74 15.24 -7.53 4.50
N HIS A 75 16.54 -7.33 4.76
CA HIS A 75 17.30 -6.30 4.08
C HIS A 75 17.57 -6.71 2.64
N VAL A 76 17.07 -5.91 1.69
CA VAL A 76 17.18 -6.22 0.28
C VAL A 76 18.43 -5.55 -0.29
N ASP A 77 19.25 -6.34 -0.97
CA ASP A 77 20.40 -5.81 -1.70
C ASP A 77 19.88 -5.00 -2.89
N THR A 78 19.92 -3.67 -2.76
CA THR A 78 19.41 -2.82 -3.84
C THR A 78 20.09 -3.13 -5.16
N GLU A 79 21.37 -3.53 -5.12
CA GLU A 79 22.06 -3.91 -6.34
C GLU A 79 21.38 -5.09 -7.04
N SER A 80 20.63 -5.89 -6.29
CA SER A 80 20.02 -7.10 -6.81
C SER A 80 18.59 -6.89 -7.31
N ILE A 81 18.03 -5.69 -7.17
CA ILE A 81 16.65 -5.44 -7.58
C ILE A 81 16.60 -5.21 -9.08
N ASP A 82 17.62 -5.68 -9.79
CA ASP A 82 17.66 -5.64 -11.25
C ASP A 82 18.29 -6.92 -11.78
N ASP A 83 19.37 -7.38 -11.12
CA ASP A 83 19.99 -8.65 -11.45
C ASP A 83 18.96 -9.76 -11.34
N PRO A 84 18.58 -10.41 -12.45
CA PRO A 84 17.55 -11.46 -12.38
C PRO A 84 17.90 -12.57 -11.40
N VAL A 87 16.42 -11.24 -6.50
CA VAL A 87 16.96 -10.31 -5.52
C VAL A 87 17.58 -11.07 -4.34
N ARG A 88 18.74 -10.61 -3.90
CA ARG A 88 19.45 -11.19 -2.77
C ARG A 88 19.24 -10.32 -1.53
N TYR A 89 19.33 -10.94 -0.36
CA TYR A 89 19.17 -10.25 0.91
C TYR A 89 20.50 -10.22 1.66
N THR A 90 20.71 -9.14 2.41
CA THR A 90 21.95 -8.91 3.14
C THR A 90 21.72 -8.83 4.64
N GLY A 91 20.60 -9.31 5.13
CA GLY A 91 20.30 -9.24 6.55
C GLY A 91 18.82 -9.39 6.80
N VAL A 92 18.47 -9.41 8.08
CA VAL A 92 17.10 -9.58 8.50
C VAL A 92 16.94 -8.97 9.88
N THR A 93 15.85 -8.23 10.08
CA THR A 93 15.47 -7.68 11.36
C THR A 93 14.22 -8.40 11.84
N GLY A 94 14.25 -8.86 13.10
CA GLY A 94 13.06 -9.38 13.73
C GLY A 94 13.10 -10.86 14.08
N VAL A 95 14.29 -11.45 14.03
CA VAL A 95 14.48 -12.85 14.38
C VAL A 95 14.98 -13.00 15.81
N GLY A 96 16.08 -12.34 16.14
CA GLY A 96 16.57 -12.33 17.50
C GLY A 96 15.62 -11.57 18.40
N THR A 97 15.64 -10.21 18.30
CA THR A 97 14.63 -9.39 18.97
C THR A 97 13.46 -9.14 18.02
N PRO A 98 12.26 -8.89 18.54
CA PRO A 98 11.09 -8.79 17.66
C PRO A 98 11.13 -7.55 16.79
N LEU A 99 10.50 -7.65 15.61
CA LEU A 99 10.40 -6.52 14.70
C LEU A 99 9.42 -5.47 15.20
N LEU A 100 8.36 -5.90 15.86
CA LEU A 100 7.32 -5.01 16.38
C LEU A 100 7.42 -4.95 17.89
N ALA A 101 7.04 -3.78 18.45
CA ALA A 101 7.09 -3.61 19.89
C ALA A 101 5.97 -4.40 20.57
N ASP A 102 4.79 -4.39 19.99
CA ASP A 102 3.67 -5.14 20.55
C ASP A 102 3.78 -6.61 20.18
N PRO A 103 3.86 -7.52 21.15
CA PRO A 103 3.99 -8.94 20.81
C PRO A 103 2.72 -9.46 20.14
N THR A 104 2.85 -10.65 19.59
CA THR A 104 1.71 -11.29 18.93
C THR A 104 0.91 -12.08 19.95
N PRO A 105 -0.39 -11.84 20.07
CA PRO A 105 -1.21 -12.67 20.96
C PRO A 105 -1.20 -14.11 20.50
N PRO A 106 -1.11 -15.07 21.41
CA PRO A 106 -1.07 -16.47 21.00
C PRO A 106 -2.30 -16.83 20.17
N GLY A 107 -2.07 -17.61 19.12
CA GLY A 107 -3.13 -17.95 18.19
C GLY A 107 -3.44 -16.89 17.15
N ASP A 108 -2.95 -15.67 17.32
CA ASP A 108 -3.14 -14.61 16.35
C ASP A 108 -1.91 -14.47 15.46
N SER A 109 -2.05 -13.63 14.44
CA SER A 109 -0.96 -13.37 13.51
C SER A 109 -0.95 -11.89 13.14
N GLN A 110 0.22 -11.26 13.23
CA GLN A 110 0.40 -9.86 12.89
C GLN A 110 0.96 -9.77 11.46
N LEU A 111 0.22 -9.12 10.57
CA LEU A 111 0.59 -9.09 9.16
C LEU A 111 0.70 -7.67 8.64
N PRO A 112 1.71 -7.38 7.81
CA PRO A 112 1.77 -6.05 7.18
C PRO A 112 0.61 -5.86 6.23
N ALA A 113 0.07 -4.64 6.20
CA ALA A 113 -1.13 -4.38 5.43
C ALA A 113 -1.12 -2.98 4.82
N GLY A 114 0.05 -2.48 4.44
CA GLY A 114 0.13 -1.22 3.72
C GLY A 114 1.14 -0.26 4.32
N VAL A 115 1.63 0.65 3.48
CA VAL A 115 2.66 1.60 3.85
C VAL A 115 2.23 3.00 3.47
N VAL A 116 2.49 3.96 4.35
CA VAL A 116 2.31 5.38 4.06
C VAL A 116 3.66 6.05 4.34
N GLN A 117 4.19 6.76 3.35
CA GLN A 117 5.43 7.48 3.48
C GLN A 117 5.12 8.97 3.44
N ILE A 118 5.42 9.68 4.53
CA ILE A 118 5.25 11.12 4.61
C ILE A 118 6.64 11.72 4.70
N ASN A 119 7.12 12.32 3.61
CA ASN A 119 8.51 12.74 3.55
C ASN A 119 9.38 11.51 3.79
N ARG A 120 10.06 11.44 4.93
CA ARG A 120 10.89 10.27 5.25
C ARG A 120 10.38 9.52 6.48
N ARG A 121 9.18 9.83 6.94
CA ARG A 121 8.52 9.08 7.99
C ARG A 121 7.76 7.92 7.33
N ASN A 122 8.08 6.71 7.74
CA ASN A 122 7.48 5.51 7.17
C ASN A 122 6.54 4.90 8.21
N TYR A 123 5.28 4.74 7.85
CA TYR A 123 4.28 4.12 8.70
C TYR A 123 3.80 2.86 8.01
N LEU A 124 3.71 1.78 8.77
CA LEU A 124 3.21 0.51 8.27
C LEU A 124 1.92 0.19 9.02
N MET A 125 0.90 -0.22 8.29
CA MET A 125 -0.29 -0.77 8.93
C MET A 125 -0.03 -2.23 9.26
N VAL A 126 -0.26 -2.59 10.52
CA VAL A 126 -0.17 -3.97 10.97
C VAL A 126 -1.59 -4.40 11.34
N THR A 127 -2.07 -5.44 10.68
CA THR A 127 -3.39 -6.01 10.95
C THR A 127 -3.20 -7.36 11.62
N THR A 128 -3.79 -7.51 12.80
CA THR A 128 -3.75 -8.76 13.55
C THR A 128 -5.03 -9.53 13.26
N THR A 129 -4.85 -10.79 12.85
CA THR A 129 -5.91 -11.70 12.45
C THR A 129 -5.90 -12.93 13.35
N LYS A 130 -7.05 -13.61 13.38
CA LYS A 130 -7.23 -14.82 14.18
C LYS A 130 -8.03 -15.80 13.34
N ASP A 131 -7.42 -16.93 13.00
CA ASP A 131 -7.99 -17.85 12.03
C ASP A 131 -8.22 -17.15 10.69
N LEU A 132 -7.29 -16.25 10.36
CA LEU A 132 -7.29 -15.45 9.14
C LEU A 132 -8.38 -14.38 9.13
N GLN A 133 -9.18 -14.27 10.19
CA GLN A 133 -10.17 -13.21 10.31
C GLN A 133 -9.53 -11.99 10.95
N PRO A 134 -9.56 -10.82 10.31
CA PRO A 134 -8.94 -9.63 10.94
C PRO A 134 -9.59 -9.32 12.28
N GLN A 135 -8.77 -9.25 13.32
CA GLN A 135 -9.23 -8.82 14.64
C GLN A 135 -9.10 -7.32 14.82
N ASN A 136 -7.97 -6.75 14.39
CA ASN A 136 -7.79 -5.31 14.55
C ASN A 136 -6.69 -4.83 13.61
N SER A 137 -6.61 -3.51 13.44
CA SER A 137 -5.55 -2.88 12.67
C SER A 137 -4.97 -1.70 13.45
N ARG A 138 -3.67 -1.48 13.28
CA ARG A 138 -3.00 -0.35 13.92
C ARG A 138 -1.92 0.18 13.00
N LEU A 139 -1.42 1.36 13.35
CA LEU A 139 -0.28 1.96 12.67
C LEU A 139 0.98 1.76 13.50
N VAL A 140 2.10 1.65 12.79
CA VAL A 140 3.40 1.34 13.39
C VAL A 140 4.45 2.19 12.71
N ARG A 141 5.33 2.80 13.49
CA ARG A 141 6.42 3.57 12.92
C ARG A 141 7.58 2.64 12.58
N ALA A 142 7.93 2.56 11.30
CA ALA A 142 8.96 1.66 10.84
C ALA A 142 10.32 2.34 10.88
N GLU A 143 11.33 1.60 11.33
CA GLU A 143 12.70 2.07 11.40
C GLU A 143 13.58 1.15 10.57
N ALA A 144 14.68 1.71 10.06
CA ALA A 144 15.54 0.97 9.14
C ALA A 144 16.63 0.19 9.87
N ALA A 145 17.31 0.84 10.83
CA ALA A 145 18.49 0.23 11.42
C ALA A 145 18.17 -0.79 12.49
N ARG A 146 16.95 -0.80 13.02
CA ARG A 146 16.63 -1.64 14.17
C ARG A 146 15.17 -2.06 14.10
N GLY A 147 14.77 -2.83 15.10
CA GLY A 147 13.40 -3.32 15.19
C GLY A 147 12.67 -2.77 16.41
N GLY A 148 11.75 -3.55 16.95
CA GLY A 148 10.91 -3.07 18.03
C GLY A 148 10.06 -1.89 17.59
N TRP A 149 9.44 -2.02 16.43
CA TRP A 149 8.69 -0.92 15.86
C TRP A 149 7.50 -0.57 16.74
N GLN A 150 7.40 0.70 17.10
CA GLN A 150 6.39 1.15 18.06
C GLN A 150 5.06 1.43 17.39
N THR A 151 3.98 1.00 18.04
CA THR A 151 2.63 1.29 17.57
C THR A 151 2.37 2.77 17.68
N VAL A 152 1.81 3.36 16.62
CA VAL A 152 1.46 4.77 16.65
C VAL A 152 0.40 5.00 17.70
N SER A 153 0.67 5.91 18.62
CA SER A 153 -0.20 6.14 19.77
C SER A 153 -1.63 6.41 19.34
N GLY A 154 -2.56 5.62 19.89
CA GLY A 154 -3.98 5.80 19.64
C GLY A 154 -4.48 5.30 18.30
N SER A 155 -3.69 4.51 17.58
CA SER A 155 -4.01 4.15 16.21
C SER A 155 -4.69 2.80 16.07
N ARG A 156 -4.95 2.09 17.17
CA ARG A 156 -5.64 0.81 17.07
C ARG A 156 -7.11 1.00 16.79
N ARG A 157 -7.64 0.19 15.86
CA ARG A 157 -9.06 0.16 15.55
C ARG A 157 -9.47 -1.28 15.30
N ASN A 158 -10.70 -1.64 15.74
CA ASN A 158 -11.18 -2.98 15.47
C ASN A 158 -11.41 -3.15 13.97
N ALA A 159 -11.65 -4.41 13.57
CA ALA A 159 -11.75 -4.72 12.15
C ALA A 159 -13.03 -4.16 11.51
N ALA A 160 -14.04 -3.87 12.32
CA ALA A 160 -15.28 -3.28 11.82
C ALA A 160 -15.14 -1.80 11.50
N TYR A 161 -14.05 -1.17 11.91
CA TYR A 161 -13.89 0.27 11.77
C TYR A 161 -14.08 0.72 10.32
N GLN A 162 -14.85 1.80 10.15
CA GLN A 162 -15.10 2.40 8.84
C GLN A 162 -15.68 1.40 7.86
N ASP A 163 -16.76 0.73 8.29
CA ASP A 163 -17.43 -0.29 7.49
C ASP A 163 -16.45 -1.38 7.03
N GLY A 164 -15.47 -1.67 7.88
CA GLY A 164 -14.53 -2.73 7.57
C GLY A 164 -13.65 -2.48 6.38
N ARG A 165 -13.43 -1.21 6.02
CA ARG A 165 -12.67 -0.84 4.84
C ARG A 165 -11.41 -0.05 5.19
N GLN A 166 -10.80 -0.37 6.32
CA GLN A 166 -9.56 0.30 6.72
C GLN A 166 -8.64 -0.67 7.45
N THR A 167 -8.64 -1.94 7.03
CA THR A 167 -7.67 -2.91 7.52
C THR A 167 -6.53 -3.13 6.52
N GLN A 168 -6.50 -2.38 5.44
CA GLN A 168 -5.43 -2.46 4.45
C GLN A 168 -5.40 -1.11 3.75
N ILE A 169 -4.21 -0.57 3.52
CA ILE A 169 -4.08 0.79 3.04
C ILE A 169 -2.82 0.95 2.19
N SER A 170 -2.74 2.09 1.53
CA SER A 170 -1.53 2.62 0.93
C SER A 170 -1.71 4.13 0.90
N GLY A 171 -0.61 4.88 0.99
CA GLY A 171 -0.72 6.32 1.04
C GLY A 171 0.52 7.02 0.55
N TYR A 172 0.31 8.26 0.09
CA TYR A 172 1.41 9.10 -0.40
C TYR A 172 1.12 10.55 -0.08
N TYR A 173 2.19 11.34 0.05
CA TYR A 173 2.12 12.74 0.46
C TYR A 173 2.31 13.65 -0.75
N ASP A 174 1.33 14.51 -1.01
CA ASP A 174 1.39 15.54 -2.03
C ASP A 174 1.45 16.89 -1.33
N PRO A 175 2.60 17.57 -1.31
CA PRO A 175 2.71 18.80 -0.52
C PRO A 175 2.07 20.03 -1.15
N VAL A 176 1.43 19.88 -2.31
CA VAL A 176 0.82 21.02 -2.99
C VAL A 176 -0.23 21.64 -2.07
N PRO A 177 -0.13 22.92 -1.74
CA PRO A 177 -1.14 23.54 -0.87
C PRO A 177 -2.52 23.59 -1.52
N THR A 178 -3.54 23.50 -0.69
CA THR A 178 -4.92 23.75 -1.07
C THR A 178 -5.55 24.65 -0.01
N PRO A 179 -6.72 25.22 -0.29
CA PRO A 179 -7.35 26.11 0.70
C PRO A 179 -7.40 25.52 2.10
N ASP A 180 -7.72 24.23 2.21
CA ASP A 180 -7.86 23.60 3.51
C ASP A 180 -6.53 23.19 4.11
N SER A 181 -5.45 23.13 3.32
CA SER A 181 -4.16 22.75 3.88
C SER A 181 -2.99 23.48 3.23
N PRO A 182 -2.32 24.39 3.96
CA PRO A 182 -1.09 24.99 3.41
C PRO A 182 0.03 23.99 3.25
N THR A 183 -0.07 22.81 3.86
CA THR A 183 1.00 21.83 3.88
C THR A 183 0.74 20.63 2.99
N GLY A 184 -0.36 20.62 2.26
CA GLY A 184 -0.65 19.50 1.39
C GLY A 184 -1.46 18.42 2.07
N TRP A 185 -1.42 17.23 1.46
CA TRP A 185 -2.31 16.15 1.86
C TRP A 185 -1.62 14.81 1.68
N VAL A 186 -1.77 13.95 2.68
CA VAL A 186 -1.48 12.53 2.55
C VAL A 186 -2.78 11.89 2.07
N TYR A 187 -2.78 11.40 0.83
CA TYR A 187 -3.90 10.66 0.29
C TYR A 187 -3.69 9.18 0.59
N ILE A 188 -4.76 8.51 1.00
CA ILE A 188 -4.70 7.15 1.51
C ILE A 188 -5.84 6.36 0.88
N VAL A 189 -5.51 5.33 0.12
CA VAL A 189 -6.52 4.37 -0.32
C VAL A 189 -6.60 3.26 0.72
N ALA A 190 -7.81 2.79 0.99
CA ALA A 190 -8.03 1.79 2.02
C ALA A 190 -9.08 0.79 1.56
N ASP A 191 -8.97 -0.42 2.10
CA ASP A 191 -9.99 -1.45 1.90
C ASP A 191 -9.81 -2.52 2.98
N SER A 192 -10.50 -3.65 2.80
CA SER A 192 -10.45 -4.74 3.76
C SER A 192 -9.30 -5.69 3.45
N PHE A 193 -8.56 -6.05 4.50
CA PHE A 193 -7.50 -7.05 4.37
C PHE A 193 -8.00 -8.34 3.76
N THR A 194 -9.28 -8.63 3.90
CA THR A 194 -9.82 -9.90 3.44
C THR A 194 -10.19 -9.90 1.97
N ARG A 195 -10.03 -8.78 1.27
CA ARG A 195 -10.26 -8.64 -0.16
C ARG A 195 -11.75 -8.74 -0.52
N GLY A 196 -12.64 -8.49 0.43
CA GLY A 196 -14.06 -8.56 0.20
C GLY A 196 -14.76 -7.22 0.06
N GLU A 197 -14.03 -6.13 0.02
CA GLU A 197 -14.60 -4.80 -0.04
C GLU A 197 -13.88 -3.97 -1.10
N PRO A 198 -14.58 -3.00 -1.69
CA PRO A 198 -13.90 -2.08 -2.62
C PRO A 198 -13.04 -1.09 -1.86
N ALA A 199 -12.31 -0.29 -2.63
CA ALA A 199 -11.39 0.69 -2.07
C ALA A 199 -12.06 2.04 -1.91
N VAL A 200 -11.65 2.76 -0.86
CA VAL A 200 -12.13 4.10 -0.56
C VAL A 200 -10.92 5.01 -0.39
N LEU A 201 -11.17 6.31 -0.44
CA LEU A 201 -10.12 7.32 -0.39
C LEU A 201 -10.30 8.20 0.83
N TYR A 202 -9.20 8.41 1.56
CA TYR A 202 -9.14 9.36 2.66
C TYR A 202 -8.01 10.35 2.38
N ARG A 203 -8.03 11.45 3.11
CA ARG A 203 -6.92 12.38 3.11
C ARG A 203 -6.68 12.84 4.54
N ALA A 204 -5.43 13.17 4.83
CA ALA A 204 -5.07 13.72 6.13
C ALA A 204 -3.94 14.72 5.92
N THR A 205 -3.94 15.80 6.69
CA THR A 205 -2.79 16.68 6.64
C THR A 205 -1.56 15.90 7.13
N PRO A 206 -0.38 16.19 6.56
CA PRO A 206 0.82 15.49 7.07
C PRO A 206 0.99 15.67 8.57
N GLU A 207 0.59 16.82 9.10
CA GLU A 207 0.66 17.06 10.53
C GLU A 207 -0.18 16.07 11.31
N SER A 208 -1.38 15.76 10.82
CA SER A 208 -2.37 15.03 11.60
C SER A 208 -2.53 13.58 11.19
N PHE A 209 -1.69 13.09 10.28
CA PHE A 209 -1.88 11.75 9.75
C PHE A 209 -1.94 10.69 10.83
N THR A 210 -1.11 10.83 11.88
CA THR A 210 -1.04 9.77 12.89
C THR A 210 -2.35 9.59 13.64
N ASP A 211 -3.25 10.57 13.59
CA ASP A 211 -4.56 10.47 14.24
C ASP A 211 -5.54 9.97 13.19
N ARG A 212 -5.90 8.69 13.28
CA ARG A 212 -6.82 8.12 12.29
C ARG A 212 -8.16 8.83 12.29
N SER A 213 -8.59 9.34 13.45
CA SER A 213 -9.89 10.01 13.53
C SER A 213 -9.91 11.32 12.75
N ARG A 214 -8.75 11.81 12.29
CA ARG A 214 -8.67 13.04 11.52
C ARG A 214 -8.58 12.79 10.03
N TRP A 215 -8.62 11.53 9.59
CA TRP A 215 -8.66 11.23 8.17
C TRP A 215 -10.01 11.63 7.60
N GLN A 216 -10.00 12.35 6.49
CA GLN A 216 -11.20 12.83 5.83
C GLN A 216 -11.54 11.91 4.67
N GLY A 217 -12.70 11.27 4.73
CA GLY A 217 -13.12 10.41 3.65
C GLY A 217 -13.66 11.19 2.47
N TRP A 218 -13.40 10.66 1.28
CA TRP A 218 -13.87 11.27 0.04
C TRP A 218 -15.16 10.60 -0.41
N ALA A 219 -16.15 11.41 -0.78
CA ALA A 219 -17.43 10.92 -1.29
C ALA A 219 -17.71 11.56 -2.63
N GLY A 220 -17.93 10.74 -3.65
CA GLY A 220 -18.33 11.25 -4.94
C GLY A 220 -19.81 11.54 -5.00
N GLY A 221 -20.18 12.37 -5.98
CA GLY A 221 -21.56 12.71 -6.21
C GLY A 221 -21.87 14.15 -5.88
N PRO A 222 -23.03 14.64 -6.34
CA PRO A 222 -23.40 16.03 -6.04
C PRO A 222 -23.43 16.38 -4.55
N ASP A 223 -23.82 15.45 -3.68
CA ASP A 223 -23.85 15.67 -2.25
C ASP A 223 -22.56 15.25 -1.56
N GLY A 224 -21.52 14.93 -2.32
CA GLY A 224 -20.28 14.43 -1.76
C GLY A 224 -19.31 15.53 -1.41
N GLY A 225 -18.04 15.14 -1.35
CA GLY A 225 -16.98 16.07 -1.00
C GLY A 225 -16.02 15.46 -0.01
N TRP A 226 -15.05 16.24 0.45
CA TRP A 226 -14.09 15.72 1.40
C TRP A 226 -14.66 15.76 2.82
N ASN A 227 -14.17 14.85 3.65
CA ASN A 227 -14.66 14.72 5.03
C ASN A 227 -16.12 14.30 5.05
N LYS A 228 -16.43 13.22 4.35
CA LYS A 228 -17.74 12.60 4.35
C LYS A 228 -17.53 11.09 4.34
N PRO A 229 -18.54 10.33 4.77
CA PRO A 229 -18.44 8.87 4.69
C PRO A 229 -18.00 8.45 3.30
N PRO A 230 -16.84 7.82 3.17
CA PRO A 230 -16.24 7.63 1.84
C PRO A 230 -17.05 6.65 1.01
N THR A 231 -17.10 6.93 -0.29
CA THR A 231 -17.77 6.08 -1.26
C THR A 231 -16.77 5.20 -1.99
N PRO A 232 -17.15 3.99 -2.37
CA PRO A 232 -16.21 3.15 -3.13
C PRO A 232 -15.74 3.85 -4.40
N LEU A 233 -14.43 3.82 -4.64
CA LEU A 233 -13.90 4.42 -5.85
C LEU A 233 -14.51 3.77 -7.08
N TRP A 234 -14.77 2.47 -7.02
CA TRP A 234 -15.53 1.75 -8.03
C TRP A 234 -15.85 0.36 -7.47
N PRO A 235 -16.84 -0.32 -8.05
CA PRO A 235 -17.48 -1.45 -7.34
C PRO A 235 -16.61 -2.68 -7.16
N ASP A 236 -15.48 -2.81 -7.84
CA ASP A 236 -14.71 -4.04 -7.75
C ASP A 236 -14.19 -4.24 -6.33
N GLN A 237 -14.20 -5.50 -5.88
CA GLN A 237 -13.61 -5.85 -4.59
C GLN A 237 -12.10 -5.89 -4.75
N LEU A 238 -11.39 -5.11 -3.94
CA LEU A 238 -9.96 -4.93 -4.08
C LEU A 238 -9.23 -5.59 -2.93
N GLY A 239 -7.92 -5.73 -3.11
CA GLY A 239 -7.04 -6.25 -2.09
C GLY A 239 -5.89 -5.31 -1.81
N GLU A 240 -4.67 -5.80 -1.98
CA GLU A 240 -3.47 -5.05 -1.60
C GLU A 240 -3.20 -3.94 -2.60
N MET A 241 -2.72 -2.81 -2.11
CA MET A 241 -2.59 -1.60 -2.90
C MET A 241 -1.23 -0.96 -2.68
N SER A 242 -0.76 -0.29 -3.73
CA SER A 242 0.46 0.49 -3.69
C SER A 242 0.20 1.75 -4.50
N ILE A 243 0.27 2.91 -3.87
CA ILE A 243 -0.10 4.17 -4.50
C ILE A 243 1.09 5.12 -4.39
N ARG A 244 1.31 5.90 -5.45
CA ARG A 244 2.47 6.79 -5.49
C ARG A 244 2.25 7.86 -6.55
N GLN A 245 2.79 9.04 -6.29
CA GLN A 245 2.74 10.15 -7.23
C GLN A 245 3.99 10.10 -8.11
N ILE A 246 3.77 9.94 -9.43
CA ILE A 246 4.84 9.90 -10.43
C ILE A 246 4.50 10.94 -11.48
N ASP A 247 5.37 11.92 -11.65
CA ASP A 247 5.19 12.98 -12.64
C ASP A 247 3.87 13.73 -12.42
N GLY A 248 3.55 13.99 -11.16
CA GLY A 248 2.29 14.62 -10.82
C GLY A 248 1.07 13.75 -10.96
N GLN A 249 1.25 12.48 -11.29
CA GLN A 249 0.16 11.54 -11.53
C GLN A 249 -0.02 10.60 -10.35
N THR A 250 -1.27 10.37 -9.96
CA THR A 250 -1.57 9.33 -8.99
C THR A 250 -1.55 7.98 -9.69
N VAL A 251 -0.67 7.09 -9.26
CA VAL A 251 -0.51 5.77 -9.84
C VAL A 251 -0.81 4.74 -8.76
N LEU A 252 -1.78 3.89 -9.03
CA LEU A 252 -2.23 2.87 -8.09
C LEU A 252 -2.07 1.50 -8.73
N SER A 253 -1.22 0.66 -8.15
CA SER A 253 -1.07 -0.73 -8.54
C SER A 253 -1.73 -1.58 -7.46
N TYR A 254 -2.69 -2.40 -7.85
CA TYR A 254 -3.51 -3.10 -6.88
C TYR A 254 -3.88 -4.49 -7.40
N PHE A 255 -4.31 -5.33 -6.46
CA PHE A 255 -4.90 -6.62 -6.81
C PHE A 255 -6.41 -6.45 -6.89
N ASN A 256 -6.99 -6.73 -8.05
CA ASN A 256 -8.44 -6.72 -8.22
C ASN A 256 -8.93 -8.14 -7.99
N ALA A 257 -9.69 -8.32 -6.90
CA ALA A 257 -10.17 -9.64 -6.52
C ALA A 257 -11.38 -10.06 -7.35
N SER A 258 -12.18 -9.11 -7.82
CA SER A 258 -13.30 -9.43 -8.70
C SER A 258 -12.78 -10.03 -10.01
N THR A 259 -11.71 -9.47 -10.55
CA THR A 259 -11.07 -10.02 -11.74
C THR A 259 -9.96 -11.00 -11.39
N GLY A 260 -9.35 -10.86 -10.21
CA GLY A 260 -8.25 -11.72 -9.82
C GLY A 260 -6.94 -11.38 -10.47
N ASN A 261 -6.72 -10.12 -10.84
CA ASN A 261 -5.54 -9.72 -11.59
C ASN A 261 -4.85 -8.54 -10.93
N MET A 262 -3.52 -8.47 -11.07
CA MET A 262 -2.79 -7.27 -10.73
C MET A 262 -3.01 -6.22 -11.81
N GLU A 263 -3.66 -5.11 -11.45
CA GLU A 263 -4.03 -4.04 -12.34
C GLU A 263 -3.39 -2.73 -11.88
N VAL A 264 -3.36 -1.76 -12.80
CA VAL A 264 -2.81 -0.43 -12.55
C VAL A 264 -3.80 0.62 -13.05
N ARG A 265 -3.88 1.72 -12.33
CA ARG A 265 -4.70 2.87 -12.70
C ARG A 265 -3.86 4.14 -12.54
N VAL A 266 -3.93 5.01 -13.54
CA VAL A 266 -3.26 6.31 -13.50
C VAL A 266 -4.31 7.40 -13.62
N ALA A 267 -4.21 8.42 -12.77
CA ALA A 267 -5.15 9.53 -12.77
C ALA A 267 -4.42 10.82 -12.44
N HIS A 268 -5.07 11.95 -12.73
CA HIS A 268 -4.46 13.23 -12.39
C HIS A 268 -4.59 13.53 -10.90
N HIS A 269 -5.73 13.18 -10.31
CA HIS A 269 -6.01 13.34 -8.90
C HIS A 269 -6.53 12.02 -8.36
N PRO A 270 -6.25 11.70 -7.09
CA PRO A 270 -6.80 10.45 -6.54
C PRO A 270 -8.32 10.38 -6.57
N THR A 271 -8.99 11.51 -6.40
CA THR A 271 -10.45 11.51 -6.41
C THR A 271 -11.03 11.05 -7.74
N SER A 272 -10.20 10.89 -8.77
CA SER A 272 -10.66 10.43 -10.08
C SER A 272 -10.13 9.04 -10.41
N LEU A 273 -9.50 8.36 -9.45
CA LEU A 273 -9.00 7.01 -9.72
C LEU A 273 -10.11 6.09 -10.21
N GLY A 274 -11.34 6.29 -9.74
CA GLY A 274 -12.44 5.45 -10.18
C GLY A 274 -12.70 5.56 -11.67
N ALA A 275 -12.39 6.72 -12.25
CA ALA A 275 -12.61 6.97 -13.67
C ALA A 275 -11.33 6.79 -14.49
N ALA A 276 -10.28 6.21 -13.90
CA ALA A 276 -9.01 6.10 -14.58
C ALA A 276 -8.97 4.86 -15.48
N PRO A 277 -8.15 4.88 -16.52
CA PRO A 277 -8.00 3.70 -17.37
C PRO A 277 -7.17 2.63 -16.67
N VAL A 278 -7.47 1.38 -17.00
CA VAL A 278 -6.89 0.23 -16.33
C VAL A 278 -5.86 -0.42 -17.26
N THR A 279 -4.70 -0.73 -16.70
CA THR A 279 -3.70 -1.56 -17.36
C THR A 279 -3.57 -2.84 -16.57
N THR A 280 -3.86 -3.97 -17.21
CA THR A 280 -3.67 -5.27 -16.58
C THR A 280 -2.19 -5.62 -16.63
N VAL A 281 -1.58 -5.82 -15.46
CA VAL A 281 -0.17 -6.15 -15.36
C VAL A 281 0.03 -7.67 -15.30
N VAL A 282 -0.65 -8.33 -14.36
CA VAL A 282 -0.55 -9.78 -14.22
C VAL A 282 -1.95 -10.35 -14.21
N ARG A 283 -2.19 -11.35 -15.06
CA ARG A 283 -3.53 -11.86 -15.31
C ARG A 283 -3.72 -13.22 -14.66
N HIS A 284 -4.89 -13.41 -14.03
CA HIS A 284 -5.45 -14.71 -13.69
C HIS A 284 -6.52 -14.53 -12.61
N ARG A 301 -1.45 -15.09 -17.27
CA ARG A 301 -0.01 -14.97 -17.05
C ARG A 301 0.39 -15.85 -15.86
N LEU A 302 0.51 -15.27 -14.67
CA LEU A 302 0.98 -15.98 -13.49
C LEU A 302 -0.18 -16.38 -12.58
N ALA A 303 -0.04 -17.54 -11.94
CA ALA A 303 -1.13 -18.14 -11.20
C ALA A 303 -1.33 -17.49 -9.84
N GLN A 304 -2.57 -17.12 -9.54
CA GLN A 304 -2.96 -16.53 -8.26
C GLN A 304 -2.02 -15.41 -7.85
N PRO A 305 -2.03 -14.28 -8.56
CA PRO A 305 -1.11 -13.19 -8.22
C PRO A 305 -1.48 -12.52 -6.90
N TYR A 306 -0.55 -11.69 -6.42
CA TYR A 306 -0.76 -10.87 -5.23
C TYR A 306 0.45 -9.98 -5.02
N GLY A 307 0.22 -8.74 -4.59
CA GLY A 307 1.30 -7.81 -4.34
C GLY A 307 1.15 -6.50 -5.09
N GLY A 308 2.13 -6.18 -5.94
CA GLY A 308 2.07 -4.96 -6.72
C GLY A 308 2.73 -3.78 -6.03
N TYR A 309 4.03 -3.88 -5.77
CA TYR A 309 4.77 -2.77 -5.18
C TYR A 309 5.40 -1.94 -6.31
N ILE A 310 5.12 -0.64 -6.31
CA ILE A 310 5.69 0.27 -7.30
C ILE A 310 7.07 0.69 -6.83
N SER A 311 8.09 0.43 -7.65
CA SER A 311 9.44 0.84 -7.30
C SER A 311 9.51 2.36 -7.23
N PRO A 312 10.25 2.92 -6.26
CA PRO A 312 10.43 4.38 -6.25
C PRO A 312 11.05 4.92 -7.53
N GLY A 313 11.89 4.11 -8.20
CA GLY A 313 12.50 4.50 -9.44
C GLY A 313 11.64 4.19 -10.65
N SER A 314 10.33 4.37 -10.48
CA SER A 314 9.38 4.16 -11.57
C SER A 314 9.13 5.46 -12.33
N THR A 315 8.89 5.33 -13.62
CA THR A 315 8.63 6.47 -14.49
C THR A 315 7.19 6.36 -15.01
N ILE A 316 6.60 7.51 -15.32
CA ILE A 316 5.20 7.54 -15.76
C ILE A 316 4.98 6.60 -16.93
N ASP A 317 5.98 6.43 -17.79
CA ASP A 317 5.88 5.54 -18.93
C ASP A 317 6.62 4.23 -18.72
N GLU A 318 7.15 3.98 -17.52
CA GLU A 318 7.80 2.70 -17.24
C GLU A 318 7.79 2.49 -15.72
N LEU A 319 6.70 1.93 -15.22
CA LEU A 319 6.65 1.51 -13.82
C LEU A 319 7.32 0.14 -13.68
N ARG A 320 8.09 -0.01 -12.60
CA ARG A 320 8.64 -1.30 -12.20
C ARG A 320 7.83 -1.77 -11.00
N ILE A 321 7.12 -2.88 -11.16
CA ILE A 321 6.14 -3.35 -10.18
C ILE A 321 6.55 -4.77 -9.78
N PHE A 322 6.64 -5.00 -8.48
CA PHE A 322 7.02 -6.29 -7.94
C PHE A 322 5.79 -7.05 -7.47
N VAL A 323 5.71 -8.32 -7.84
CA VAL A 323 4.56 -9.18 -7.60
C VAL A 323 5.07 -10.49 -7.01
N SER A 324 4.18 -11.16 -6.28
CA SER A 324 4.50 -12.48 -5.73
C SER A 324 3.24 -13.29 -5.47
N VAL A 338 9.96 -12.98 -5.52
CA VAL A 338 9.27 -11.82 -6.08
C VAL A 338 9.74 -11.59 -7.52
N ILE A 339 8.79 -11.33 -8.40
CA ILE A 339 9.06 -11.10 -9.83
C ILE A 339 8.85 -9.62 -10.13
N GLN A 340 9.68 -9.10 -11.03
CA GLN A 340 9.63 -7.71 -11.43
C GLN A 340 8.99 -7.60 -12.80
N PHE A 341 8.07 -6.66 -12.95
CA PHE A 341 7.36 -6.40 -14.20
C PHE A 341 7.56 -4.94 -14.57
N ALA A 342 7.82 -4.67 -15.84
CA ALA A 342 7.90 -3.31 -16.35
C ALA A 342 6.66 -3.05 -17.21
N VAL A 343 5.95 -1.97 -16.90
CA VAL A 343 4.68 -1.69 -17.55
C VAL A 343 4.61 -0.20 -17.87
N ASN A 344 4.27 0.10 -19.14
CA ASN A 344 3.96 1.46 -19.55
C ASN A 344 2.44 1.60 -19.50
N PRO A 345 1.87 2.24 -18.47
CA PRO A 345 0.42 2.18 -18.27
C PRO A 345 -0.35 3.13 -19.17
N PHE A 346 -1.62 2.80 -19.34
CA PHE A 346 -2.55 3.69 -20.03
C PHE A 346 -2.81 4.93 -19.17
N LYS A 347 -2.69 6.12 -19.79
CA LYS A 347 -2.85 7.38 -19.09
C LYS A 347 -4.08 8.13 -19.60
N PRO A 348 -4.79 8.86 -18.73
CA PRO A 348 -5.99 9.59 -19.22
C PRO A 348 -5.75 10.72 -20.20
N TRP A 349 -4.70 10.66 -21.02
CA TRP A 349 -4.48 11.68 -22.04
C TRP A 349 -3.59 11.14 -23.17
#